data_2MJQ
#
_entry.id   2MJQ
#
loop_
_entity.id
_entity.type
_entity.pdbx_description
1 polymer Anoplin
2 non-polymer 'UNKNOWN ATOM OR ION'
3 non-polymer 'dodecyl 2-(trimethylammonio)ethyl phosphate'
#
_entity_poly.entity_id   1
_entity_poly.type   'polypeptide(L)'
_entity_poly.pdbx_seq_one_letter_code
;GLLKRIKTLL(NH2)
;
_entity_poly.pdbx_strand_id   A
#
# COMPACT_ATOMS: atom_id res chain seq x y z
N GLY A 1 -5.01 0.80 5.74
CA GLY A 1 -4.44 -0.46 6.26
C GLY A 1 -3.18 -0.85 5.53
N LEU A 2 -2.66 -2.03 5.80
CA LEU A 2 -1.39 -2.48 5.22
C LEU A 2 -1.38 -2.58 3.69
N LEU A 3 -2.48 -3.00 3.08
CA LEU A 3 -2.49 -3.14 1.61
C LEU A 3 -2.52 -1.78 0.92
N LYS A 4 -3.03 -0.77 1.60
CA LYS A 4 -3.04 0.59 1.05
C LYS A 4 -1.60 1.08 0.93
N ARG A 5 -0.75 0.64 1.84
CA ARG A 5 0.66 1.02 1.81
C ARG A 5 1.39 0.42 0.64
N ILE A 6 0.92 -0.73 0.21
CA ILE A 6 1.49 -1.41 -0.96
C ILE A 6 1.10 -0.65 -2.22
N LYS A 7 -0.13 -0.14 -2.25
CA LYS A 7 -0.59 0.66 -3.39
C LYS A 7 0.20 1.96 -3.50
N THR A 8 0.69 2.43 -2.38
CA THR A 8 1.52 3.63 -2.36
C THR A 8 2.90 3.33 -2.87
N LEU A 9 3.40 2.18 -2.46
CA LEU A 9 4.72 1.70 -2.83
C LEU A 9 4.79 1.54 -4.35
N LEU A 10 3.74 0.98 -4.93
CA LEU A 10 3.72 0.72 -6.35
C LEU A 10 3.47 1.99 -7.16
N GLY A 1 -4.54 0.77 6.38
CA GLY A 1 -4.38 -0.68 6.17
C GLY A 1 -3.10 -1.00 5.44
N LEU A 2 -2.59 -2.21 5.61
CA LEU A 2 -1.31 -2.59 5.00
C LEU A 2 -1.35 -2.55 3.46
N LEU A 3 -2.43 -3.00 2.86
CA LEU A 3 -2.53 -3.01 1.40
C LEU A 3 -2.48 -1.61 0.82
N LYS A 4 -3.04 -0.64 1.53
CA LYS A 4 -3.01 0.75 1.04
C LYS A 4 -1.56 1.25 0.97
N ARG A 5 -0.74 0.82 1.91
CA ARG A 5 0.69 1.18 1.90
C ARG A 5 1.40 0.52 0.73
N ILE A 6 0.97 -0.69 0.42
CA ILE A 6 1.54 -1.46 -0.70
C ILE A 6 1.15 -0.79 -2.02
N LYS A 7 -0.08 -0.29 -2.10
CA LYS A 7 -0.53 0.45 -3.30
C LYS A 7 0.25 1.74 -3.47
N THR A 8 0.64 2.32 -2.34
CA THR A 8 1.42 3.56 -2.34
C THR A 8 2.84 3.30 -2.84
N LEU A 9 3.38 2.16 -2.46
CA LEU A 9 4.71 1.75 -2.90
C LEU A 9 4.72 1.52 -4.40
N LEU A 10 3.64 0.93 -4.92
CA LEU A 10 3.50 0.69 -6.34
C LEU A 10 3.45 2.00 -7.12
N GLY A 1 -6.01 -1.13 6.32
CA GLY A 1 -4.56 -0.92 6.59
C GLY A 1 -3.70 -1.83 5.75
N LEU A 2 -2.38 -1.64 5.80
CA LEU A 2 -1.37 -2.44 5.07
C LEU A 2 -1.44 -2.51 3.53
N LEU A 3 -2.53 -2.99 2.94
CA LEU A 3 -2.59 -3.12 1.47
C LEU A 3 -2.54 -1.74 0.80
N LYS A 4 -2.99 -0.72 1.51
CA LYS A 4 -2.92 0.65 0.99
C LYS A 4 -1.47 1.08 0.91
N ARG A 5 -0.65 0.63 1.83
CA ARG A 5 0.77 0.91 1.84
C ARG A 5 1.44 0.35 0.62
N ILE A 6 0.97 -0.81 0.22
CA ILE A 6 1.52 -1.49 -0.95
C ILE A 6 1.09 -0.74 -2.21
N LYS A 7 -0.15 -0.26 -2.26
CA LYS A 7 -0.60 0.57 -3.39
C LYS A 7 0.22 1.85 -3.48
N THR A 8 0.60 2.34 -2.31
CA THR A 8 1.38 3.57 -2.22
C THR A 8 2.79 3.36 -2.75
N LEU A 9 3.36 2.24 -2.38
CA LEU A 9 4.69 1.86 -2.80
C LEU A 9 4.73 1.59 -4.30
N LEU A 10 3.66 0.99 -4.82
CA LEU A 10 3.55 0.68 -6.22
C LEU A 10 3.52 1.95 -7.07
N GLY A 1 -4.64 0.59 6.18
CA GLY A 1 -4.44 -0.84 5.91
C GLY A 1 -3.09 -1.10 5.27
N LEU A 2 -2.56 -2.30 5.45
CA LEU A 2 -1.24 -2.67 4.91
C LEU A 2 -1.27 -2.65 3.38
N LEU A 3 -2.40 -3.03 2.80
CA LEU A 3 -2.54 -2.99 1.34
C LEU A 3 -2.50 -1.57 0.80
N LYS A 4 -2.94 -0.60 1.59
CA LYS A 4 -2.89 0.79 1.16
C LYS A 4 -1.44 1.26 1.10
N ARG A 5 -0.60 0.73 1.99
CA ARG A 5 0.83 1.05 1.96
C ARG A 5 1.44 0.54 0.70
N ILE A 6 1.02 -0.66 0.33
CA ILE A 6 1.50 -1.34 -0.86
C ILE A 6 1.04 -0.60 -2.11
N LYS A 7 -0.22 -0.15 -2.15
CA LYS A 7 -0.73 0.61 -3.26
C LYS A 7 0.01 1.91 -3.48
N THR A 8 0.51 2.46 -2.40
CA THR A 8 1.27 3.69 -2.47
C THR A 8 2.69 3.40 -2.93
N LEU A 9 3.20 2.30 -2.44
CA LEU A 9 4.56 1.87 -2.74
C LEU A 9 4.71 1.45 -4.20
N LEU A 10 3.69 0.85 -4.79
CA LEU A 10 3.77 0.36 -6.14
C LEU A 10 3.71 1.46 -7.20
N GLY A 1 -4.20 1.01 5.93
CA GLY A 1 -3.86 -0.37 6.29
C GLY A 1 -2.71 -0.90 5.46
N LEU A 2 -2.47 -2.21 5.51
CA LEU A 2 -1.31 -2.79 4.84
C LEU A 2 -1.39 -2.75 3.31
N LEU A 3 -2.56 -2.94 2.71
CA LEU A 3 -2.64 -2.89 1.26
C LEU A 3 -2.59 -1.45 0.79
N LYS A 4 -2.92 -0.52 1.66
CA LYS A 4 -2.84 0.89 1.30
C LYS A 4 -1.39 1.31 1.13
N ARG A 5 -0.52 0.89 2.03
CA ARG A 5 0.90 1.23 1.89
C ARG A 5 1.51 0.54 0.70
N ILE A 6 1.03 -0.66 0.40
CA ILE A 6 1.53 -1.42 -0.74
C ILE A 6 1.11 -0.77 -2.05
N LYS A 7 -0.16 -0.36 -2.15
CA LYS A 7 -0.64 0.31 -3.37
C LYS A 7 0.05 1.65 -3.54
N THR A 8 0.50 2.24 -2.46
CA THR A 8 1.20 3.51 -2.49
C THR A 8 2.63 3.32 -2.91
N LEU A 9 3.22 2.24 -2.42
CA LEU A 9 4.60 1.90 -2.72
C LEU A 9 4.76 1.64 -4.21
N LEU A 10 3.79 0.93 -4.79
CA LEU A 10 3.85 0.59 -6.18
C LEU A 10 3.37 1.70 -7.10
N GLY A 1 -6.05 -0.79 6.47
CA GLY A 1 -5.33 -2.00 6.04
C GLY A 1 -3.95 -1.67 5.53
N LEU A 2 -3.03 -2.63 5.57
CA LEU A 2 -1.66 -2.42 5.12
C LEU A 2 -1.55 -2.44 3.59
N LEU A 3 -2.55 -2.98 2.91
CA LEU A 3 -2.54 -2.99 1.44
C LEU A 3 -2.46 -1.58 0.88
N LYS A 4 -2.92 -0.61 1.65
CA LYS A 4 -2.84 0.79 1.23
C LYS A 4 -1.40 1.22 1.03
N ARG A 5 -0.50 0.81 1.92
CA ARG A 5 0.89 1.24 1.80
C ARG A 5 1.61 0.47 0.71
N ILE A 6 1.09 -0.68 0.35
CA ILE A 6 1.66 -1.46 -0.75
C ILE A 6 1.23 -0.83 -2.06
N LYS A 7 -0.02 -0.38 -2.14
CA LYS A 7 -0.51 0.34 -3.32
C LYS A 7 0.23 1.66 -3.47
N THR A 8 0.58 2.26 -2.36
CA THR A 8 1.31 3.53 -2.37
C THR A 8 2.72 3.32 -2.88
N LEU A 9 3.32 2.22 -2.49
CA LEU A 9 4.66 1.88 -2.95
C LEU A 9 4.66 1.65 -4.45
N LEU A 10 3.62 1.01 -4.96
CA LEU A 10 3.50 0.72 -6.38
C LEU A 10 3.53 1.99 -7.23
N GLY A 1 -3.68 1.46 6.73
CA GLY A 1 -3.97 0.09 6.26
C GLY A 1 -2.81 -0.51 5.51
N LEU A 2 -2.48 -1.76 5.80
CA LEU A 2 -1.30 -2.41 5.21
C LEU A 2 -1.36 -2.53 3.69
N LEU A 3 -2.47 -3.00 3.15
CA LEU A 3 -2.59 -3.17 1.70
C LEU A 3 -2.61 -1.83 1.00
N LYS A 4 -3.07 -0.80 1.70
CA LYS A 4 -3.09 0.55 1.16
C LYS A 4 -1.66 1.01 0.92
N ARG A 5 -0.76 0.65 1.82
CA ARG A 5 0.65 1.05 1.70
C ARG A 5 1.38 0.30 0.60
N ILE A 6 0.84 -0.81 0.15
CA ILE A 6 1.41 -1.51 -0.99
C ILE A 6 1.07 -0.72 -2.25
N LYS A 7 -0.14 -0.18 -2.30
CA LYS A 7 -0.57 0.64 -3.44
C LYS A 7 0.24 1.92 -3.49
N THR A 8 0.61 2.40 -2.33
CA THR A 8 1.45 3.59 -2.21
C THR A 8 2.83 3.30 -2.78
N LEU A 9 3.35 2.13 -2.45
CA LEU A 9 4.68 1.72 -2.88
C LEU A 9 4.77 1.40 -4.38
N LEU A 10 3.62 1.15 -5.01
CA LEU A 10 3.61 0.92 -6.46
C LEU A 10 4.20 2.11 -7.20
N GLY A 1 -3.51 -6.94 5.66
CA GLY A 1 -3.59 -5.48 5.88
C GLY A 1 -2.48 -4.76 5.19
N LEU A 2 -2.29 -3.48 5.52
CA LEU A 2 -1.23 -2.62 4.95
C LEU A 2 -1.33 -2.47 3.42
N LEU A 3 -2.47 -2.84 2.84
CA LEU A 3 -2.62 -2.83 1.39
C LEU A 3 -2.60 -1.43 0.82
N LYS A 4 -3.06 -0.46 1.57
CA LYS A 4 -3.03 0.94 1.13
C LYS A 4 -1.57 1.39 0.98
N ARG A 5 -0.73 0.95 1.89
CA ARG A 5 0.68 1.35 1.86
C ARG A 5 1.39 0.67 0.73
N ILE A 6 0.98 -0.55 0.46
CA ILE A 6 1.55 -1.32 -0.65
C ILE A 6 1.13 -0.68 -1.98
N LYS A 7 -0.11 -0.25 -2.09
CA LYS A 7 -0.57 0.43 -3.29
C LYS A 7 0.21 1.71 -3.55
N THR A 8 0.60 2.35 -2.48
CA THR A 8 1.36 3.59 -2.56
C THR A 8 2.79 3.32 -2.97
N LEU A 9 3.32 2.23 -2.46
CA LEU A 9 4.67 1.79 -2.79
C LEU A 9 4.75 1.46 -4.28
N LEU A 10 3.71 0.80 -4.79
CA LEU A 10 3.60 0.44 -6.19
C LEU A 10 3.48 1.67 -7.09
N GLY A 1 -4.53 1.28 5.90
CA GLY A 1 -4.55 -0.18 5.64
C GLY A 1 -3.23 -0.66 5.09
N LEU A 2 -2.82 -1.88 5.41
CA LEU A 2 -1.51 -2.39 4.98
C LEU A 2 -1.44 -2.52 3.46
N LEU A 3 -2.51 -2.98 2.84
CA LEU A 3 -2.56 -3.08 1.37
C LEU A 3 -2.44 -1.70 0.74
N LYS A 4 -3.04 -0.70 1.35
CA LYS A 4 -2.95 0.66 0.84
C LYS A 4 -1.50 1.14 0.90
N ARG A 5 -0.78 0.73 1.92
CA ARG A 5 0.64 1.08 2.05
C ARG A 5 1.49 0.40 0.98
N ILE A 6 1.04 -0.74 0.51
CA ILE A 6 1.72 -1.44 -0.59
C ILE A 6 1.36 -0.73 -1.91
N LYS A 7 0.11 -0.33 -2.06
CA LYS A 7 -0.32 0.39 -3.26
C LYS A 7 0.39 1.73 -3.36
N THR A 8 0.79 2.26 -2.22
CA THR A 8 1.54 3.50 -2.17
C THR A 8 2.91 3.32 -2.80
N LEU A 9 3.51 2.17 -2.52
CA LEU A 9 4.82 1.83 -3.07
C LEU A 9 4.69 1.62 -4.57
N LEU A 10 3.58 1.03 -4.98
CA LEU A 10 3.25 0.77 -6.36
C LEU A 10 2.64 1.98 -7.08
N GLY A 1 -4.88 0.61 6.19
CA GLY A 1 -4.50 -0.81 6.08
C GLY A 1 -3.22 -0.99 5.30
N LEU A 2 -2.49 -2.07 5.57
CA LEU A 2 -1.20 -2.32 4.93
C LEU A 2 -1.32 -2.49 3.41
N LEU A 3 -2.46 -2.94 2.91
CA LEU A 3 -2.65 -3.04 1.46
C LEU A 3 -2.58 -1.68 0.78
N LYS A 4 -3.07 -0.65 1.44
CA LYS A 4 -2.96 0.71 0.91
C LYS A 4 -1.51 1.16 0.92
N ARG A 5 -0.73 0.71 1.89
CA ARG A 5 0.70 1.04 1.94
C ARG A 5 1.44 0.38 0.79
N ILE A 6 0.97 -0.78 0.39
CA ILE A 6 1.54 -1.49 -0.76
C ILE A 6 1.15 -0.75 -2.04
N LYS A 7 -0.10 -0.30 -2.14
CA LYS A 7 -0.54 0.47 -3.30
C LYS A 7 0.27 1.76 -3.43
N THR A 8 0.66 2.31 -2.30
CA THR A 8 1.42 3.55 -2.26
C THR A 8 2.84 3.33 -2.76
N LEU A 9 3.39 2.18 -2.42
CA LEU A 9 4.72 1.81 -2.87
C LEU A 9 4.71 1.61 -4.38
N LEU A 10 3.66 0.98 -4.88
CA LEU A 10 3.52 0.68 -6.29
C LEU A 10 3.30 1.93 -7.13
N GLY A 1 -5.34 -3.50 8.11
CA GLY A 1 -4.53 -3.97 6.96
C GLY A 1 -3.74 -2.85 6.34
N LEU A 2 -2.62 -3.17 5.70
CA LEU A 2 -1.71 -2.17 5.13
C LEU A 2 -1.52 -2.37 3.64
N LEU A 3 -2.57 -2.83 2.98
CA LEU A 3 -2.55 -2.99 1.52
C LEU A 3 -2.45 -1.62 0.86
N LYS A 4 -2.92 -0.58 1.54
CA LYS A 4 -2.83 0.77 1.00
C LYS A 4 -1.37 1.22 0.96
N ARG A 5 -0.57 0.78 1.92
CA ARG A 5 0.87 1.09 1.90
C ARG A 5 1.49 0.48 0.68
N ILE A 6 1.05 -0.71 0.35
CA ILE A 6 1.57 -1.42 -0.83
C ILE A 6 1.13 -0.72 -2.11
N LYS A 7 -0.11 -0.26 -2.15
CA LYS A 7 -0.63 0.47 -3.32
C LYS A 7 0.12 1.78 -3.52
N THR A 8 0.59 2.34 -2.43
CA THR A 8 1.33 3.59 -2.46
C THR A 8 2.76 3.35 -2.91
N LEU A 9 3.29 2.22 -2.49
CA LEU A 9 4.63 1.80 -2.82
C LEU A 9 4.77 1.57 -4.31
N LEU A 10 3.74 0.97 -4.92
CA LEU A 10 3.77 0.66 -6.33
C LEU A 10 3.38 1.86 -7.20
N GLY A 1 -4.94 0.63 5.60
CA GLY A 1 -4.14 -0.44 6.22
C GLY A 1 -2.93 -0.79 5.40
N LEU A 2 -2.31 -1.93 5.68
CA LEU A 2 -1.09 -2.33 4.98
C LEU A 2 -1.28 -2.51 3.47
N LEU A 3 -2.46 -2.90 3.02
CA LEU A 3 -2.69 -3.03 1.58
C LEU A 3 -2.65 -1.67 0.88
N LYS A 4 -3.08 -0.63 1.59
CA LYS A 4 -3.01 0.72 1.05
C LYS A 4 -1.56 1.14 0.93
N ARG A 5 -0.74 0.70 1.87
CA ARG A 5 0.70 0.99 1.81
C ARG A 5 1.36 0.34 0.62
N ILE A 6 0.88 -0.84 0.30
CA ILE A 6 1.40 -1.57 -0.87
C ILE A 6 1.02 -0.83 -2.16
N LYS A 7 -0.20 -0.33 -2.23
CA LYS A 7 -0.65 0.46 -3.38
C LYS A 7 0.09 1.79 -3.48
N THR A 8 0.63 2.25 -2.36
CA THR A 8 1.37 3.49 -2.32
C THR A 8 2.80 3.25 -2.77
N LEU A 9 3.31 2.11 -2.39
CA LEU A 9 4.67 1.72 -2.75
C LEU A 9 4.81 1.63 -4.26
N LEU A 10 3.81 1.05 -4.93
CA LEU A 10 3.88 0.88 -6.37
C LEU A 10 3.64 2.17 -7.15
N GLY A 1 -4.13 1.01 5.92
CA GLY A 1 -3.63 -0.34 6.26
C GLY A 1 -2.49 -0.75 5.36
N LEU A 2 -2.02 -1.98 5.53
CA LEU A 2 -0.89 -2.49 4.76
C LEU A 2 -1.16 -2.54 3.27
N LEU A 3 -2.38 -2.90 2.86
CA LEU A 3 -2.68 -2.98 1.43
C LEU A 3 -2.64 -1.61 0.74
N LYS A 4 -3.14 -0.60 1.42
CA LYS A 4 -3.09 0.76 0.89
C LYS A 4 -1.65 1.22 0.82
N ARG A 5 -0.84 0.76 1.75
CA ARG A 5 0.56 1.12 1.77
C ARG A 5 1.31 0.43 0.66
N ILE A 6 0.88 -0.77 0.32
CA ILE A 6 1.47 -1.49 -0.81
C ILE A 6 1.09 -0.76 -2.10
N LYS A 7 -0.13 -0.26 -2.17
CA LYS A 7 -0.56 0.54 -3.33
C LYS A 7 0.25 1.82 -3.43
N THR A 8 0.67 2.33 -2.28
CA THR A 8 1.47 3.56 -2.23
C THR A 8 2.88 3.30 -2.73
N LEU A 9 3.41 2.18 -2.30
CA LEU A 9 4.76 1.77 -2.68
C LEU A 9 4.82 1.49 -4.17
N LEU A 10 3.76 0.91 -4.69
CA LEU A 10 3.61 0.61 -6.08
C LEU A 10 2.85 1.70 -6.84
N GLY A 1 -3.39 1.22 6.73
CA GLY A 1 -3.75 -0.06 6.10
C GLY A 1 -2.61 -0.65 5.30
N LEU A 2 -2.28 -1.92 5.53
CA LEU A 2 -1.11 -2.52 4.88
C LEU A 2 -1.25 -2.58 3.35
N LEU A 3 -2.40 -2.96 2.85
CA LEU A 3 -2.62 -3.01 1.40
C LEU A 3 -2.58 -1.62 0.80
N LYS A 4 -3.09 -0.65 1.53
CA LYS A 4 -3.07 0.74 1.09
C LYS A 4 -1.64 1.22 0.96
N ARG A 5 -0.78 0.77 1.86
CA ARG A 5 0.64 1.13 1.81
C ARG A 5 1.38 0.43 0.69
N ILE A 6 0.91 -0.74 0.31
CA ILE A 6 1.49 -1.47 -0.81
C ILE A 6 1.12 -0.74 -2.10
N LYS A 7 -0.12 -0.28 -2.21
CA LYS A 7 -0.56 0.50 -3.33
C LYS A 7 0.25 1.78 -3.48
N THR A 8 0.66 2.32 -2.35
CA THR A 8 1.43 3.55 -2.30
C THR A 8 2.86 3.32 -2.74
N LEU A 9 3.38 2.17 -2.37
CA LEU A 9 4.73 1.77 -2.75
C LEU A 9 4.79 1.56 -4.26
N LEU A 10 3.74 0.94 -4.80
CA LEU A 10 3.65 0.65 -6.20
C LEU A 10 3.09 1.82 -7.00
N GLY A 1 -4.92 0.11 7.14
CA GLY A 1 -4.84 -1.05 6.24
C GLY A 1 -3.55 -1.08 5.44
N LEU A 2 -2.75 -2.11 5.63
CA LEU A 2 -1.42 -2.17 5.02
C LEU A 2 -1.40 -2.42 3.52
N LEU A 3 -2.48 -2.93 2.94
CA LEU A 3 -2.54 -3.09 1.48
C LEU A 3 -2.50 -1.72 0.81
N LYS A 4 -3.00 -0.69 1.49
CA LYS A 4 -2.95 0.67 0.98
C LYS A 4 -1.51 1.15 0.91
N ARG A 5 -0.68 0.71 1.83
CA ARG A 5 0.74 1.08 1.84
C ARG A 5 1.49 0.38 0.72
N ILE A 6 1.03 -0.80 0.35
CA ILE A 6 1.59 -1.52 -0.79
C ILE A 6 1.17 -0.80 -2.08
N LYS A 7 -0.06 -0.34 -2.14
CA LYS A 7 -0.55 0.44 -3.29
C LYS A 7 0.23 1.74 -3.43
N THR A 8 0.67 2.27 -2.30
CA THR A 8 1.45 3.51 -2.27
C THR A 8 2.86 3.27 -2.77
N LEU A 9 3.41 2.12 -2.44
CA LEU A 9 4.73 1.72 -2.87
C LEU A 9 4.74 1.60 -4.40
N LEU A 10 3.68 1.03 -4.93
CA LEU A 10 3.52 0.86 -6.35
C LEU A 10 3.15 2.16 -7.08
N GLY A 1 -5.71 -0.16 6.14
CA GLY A 1 -5.18 -1.51 5.94
C GLY A 1 -3.80 -1.50 5.34
N LEU A 2 -3.02 -2.55 5.57
CA LEU A 2 -1.63 -2.59 5.10
C LEU A 2 -1.49 -2.58 3.58
N LEU A 3 -2.50 -3.06 2.86
CA LEU A 3 -2.45 -3.04 1.40
C LEU A 3 -2.44 -1.62 0.85
N LYS A 4 -2.91 -0.66 1.62
CA LYS A 4 -2.92 0.72 1.16
C LYS A 4 -1.49 1.26 1.02
N ARG A 5 -0.62 0.86 1.92
CA ARG A 5 0.79 1.28 1.84
C ARG A 5 1.50 0.59 0.70
N ILE A 6 1.08 -0.62 0.43
CA ILE A 6 1.61 -1.40 -0.69
C ILE A 6 1.18 -0.73 -1.99
N LYS A 7 -0.05 -0.27 -2.04
CA LYS A 7 -0.56 0.47 -3.19
C LYS A 7 0.19 1.77 -3.43
N THR A 8 0.70 2.32 -2.35
CA THR A 8 1.43 3.57 -2.41
C THR A 8 2.84 3.34 -2.91
N LEU A 9 3.38 2.20 -2.53
CA LEU A 9 4.71 1.82 -2.94
C LEU A 9 4.75 1.57 -4.46
N LEU A 10 3.71 0.97 -5.00
CA LEU A 10 3.64 0.66 -6.41
C LEU A 10 3.19 1.84 -7.29
N GLY A 1 -6.09 -2.45 7.06
CA GLY A 1 -4.98 -3.29 6.60
C GLY A 1 -3.75 -2.49 6.26
N LEU A 2 -2.81 -3.11 5.53
CA LEU A 2 -1.58 -2.42 5.12
C LEU A 2 -1.48 -2.41 3.59
N LEU A 3 -2.52 -2.88 2.93
CA LEU A 3 -2.55 -2.95 1.47
C LEU A 3 -2.48 -1.55 0.85
N LYS A 4 -2.95 -0.57 1.59
CA LYS A 4 -2.88 0.84 1.16
C LYS A 4 -1.43 1.31 1.07
N ARG A 5 -0.57 0.79 1.92
CA ARG A 5 0.84 1.16 1.88
C ARG A 5 1.50 0.53 0.69
N ILE A 6 1.03 -0.65 0.36
CA ILE A 6 1.59 -1.39 -0.77
C ILE A 6 1.17 -0.72 -2.07
N LYS A 7 -0.07 -0.29 -2.17
CA LYS A 7 -0.56 0.43 -3.31
C LYS A 7 0.22 1.71 -3.53
N THR A 8 0.61 2.31 -2.42
CA THR A 8 1.35 3.56 -2.45
C THR A 8 2.75 3.35 -2.95
N LEU A 9 3.33 2.27 -2.50
CA LEU A 9 4.68 1.92 -2.91
C LEU A 9 4.71 1.64 -4.40
N LEU A 10 3.70 0.93 -4.88
CA LEU A 10 3.60 0.55 -6.25
C LEU A 10 3.40 1.75 -7.17
N GLY A 1 -6.17 -0.42 5.95
CA GLY A 1 -5.40 -1.67 5.81
C GLY A 1 -4.00 -1.41 5.31
N LEU A 2 -3.07 -2.31 5.58
CA LEU A 2 -1.68 -2.12 5.16
C LEU A 2 -1.50 -2.39 3.66
N LEU A 3 -2.50 -2.96 3.01
CA LEU A 3 -2.48 -3.11 1.56
C LEU A 3 -2.45 -1.74 0.88
N LYS A 4 -2.91 -0.72 1.58
CA LYS A 4 -2.87 0.64 1.08
C LYS A 4 -1.44 1.10 0.94
N ARG A 5 -0.58 0.69 1.86
CA ARG A 5 0.84 1.04 1.81
C ARG A 5 1.54 0.39 0.66
N ILE A 6 1.07 -0.78 0.30
CA ILE A 6 1.62 -1.50 -0.83
C ILE A 6 1.20 -0.80 -2.12
N LYS A 7 -0.05 -0.34 -2.20
CA LYS A 7 -0.48 0.47 -3.34
C LYS A 7 0.32 1.76 -3.45
N THR A 8 0.67 2.29 -2.30
CA THR A 8 1.42 3.55 -2.21
C THR A 8 2.81 3.37 -2.76
N LEU A 9 3.37 2.21 -2.48
CA LEU A 9 4.68 1.84 -2.97
C LEU A 9 4.67 1.60 -4.47
N LEU A 10 3.58 1.04 -4.98
CA LEU A 10 3.45 0.80 -6.40
C LEU A 10 3.37 2.10 -7.18
N GLY A 1 -6.51 -2.91 6.24
CA GLY A 1 -5.37 -1.99 6.28
C GLY A 1 -4.15 -2.59 5.65
N LEU A 2 -3.01 -1.91 5.75
CA LEU A 2 -1.69 -2.34 5.24
C LEU A 2 -1.55 -2.45 3.70
N LEU A 3 -2.56 -2.98 3.02
CA LEU A 3 -2.50 -3.15 1.58
C LEU A 3 -2.46 -1.80 0.86
N LYS A 4 -2.94 -0.76 1.51
CA LYS A 4 -2.89 0.59 0.96
C LYS A 4 -1.46 1.08 0.90
N ARG A 5 -0.63 0.63 1.83
CA ARG A 5 0.78 1.02 1.85
C ARG A 5 1.50 0.39 0.69
N ILE A 6 1.06 -0.80 0.34
CA ILE A 6 1.63 -1.50 -0.81
C ILE A 6 1.23 -0.78 -2.08
N LYS A 7 -0.01 -0.32 -2.16
CA LYS A 7 -0.46 0.45 -3.32
C LYS A 7 0.28 1.78 -3.42
N THR A 8 0.71 2.30 -2.28
CA THR A 8 1.48 3.54 -2.24
C THR A 8 2.86 3.31 -2.83
N LEU A 9 3.43 2.16 -2.51
CA LEU A 9 4.74 1.79 -3.02
C LEU A 9 4.68 1.62 -4.53
N LEU A 10 3.58 1.06 -5.03
CA LEU A 10 3.39 0.90 -6.47
C LEU A 10 3.34 2.27 -7.15
N GLY A 1 -6.35 -3.69 5.88
CA GLY A 1 -5.23 -2.90 6.41
C GLY A 1 -3.94 -3.19 5.71
N LEU A 2 -2.99 -2.26 5.77
CA LEU A 2 -1.63 -2.37 5.18
C LEU A 2 -1.52 -2.45 3.65
N LEU A 3 -2.50 -3.01 2.96
CA LEU A 3 -2.44 -3.12 1.50
C LEU A 3 -2.44 -1.74 0.84
N LYS A 4 -2.97 -0.75 1.53
CA LYS A 4 -2.95 0.64 1.04
C LYS A 4 -1.52 1.14 0.91
N ARG A 5 -0.65 0.72 1.83
CA ARG A 5 0.74 1.14 1.78
C ARG A 5 1.50 0.45 0.68
N ILE A 6 1.04 -0.72 0.31
CA ILE A 6 1.63 -1.46 -0.79
C ILE A 6 1.20 -0.73 -2.07
N LYS A 7 -0.05 -0.28 -2.11
CA LYS A 7 -0.54 0.52 -3.24
C LYS A 7 0.23 1.83 -3.38
N THR A 8 0.75 2.33 -2.27
CA THR A 8 1.52 3.56 -2.26
C THR A 8 2.88 3.31 -2.85
N LEU A 9 3.43 2.17 -2.50
CA LEU A 9 4.76 1.77 -2.95
C LEU A 9 4.77 1.62 -4.47
N LEU A 10 3.70 1.04 -5.02
CA LEU A 10 3.62 0.79 -6.43
C LEU A 10 3.07 1.98 -7.24
#